data_8I3P
#
_entry.id   8I3P
#
_cell.length_a   49.175
_cell.length_b   68.900
_cell.length_c   49.424
_cell.angle_alpha   90.00
_cell.angle_beta   101.58
_cell.angle_gamma   90.00
#
_symmetry.space_group_name_H-M   'P 1 21 1'
#
loop_
_entity.id
_entity.type
_entity.pdbx_description
1 polymer 'Cytosine deaminase'
2 non-polymer 4-oxidanyl-3,4-dihydro-1H-pyrimidin-2-one
3 non-polymer 'ZINC ION'
4 non-polymer 1,2-ETHANEDIOL
5 water water
#
_entity_poly.entity_id   1
_entity_poly.type   'polypeptide(L)'
_entity_poly.pdbx_seq_one_letter_code
;GMVTGGMASKWDQKGMDIAYEEAALGYKEGGVPIGGCLINNKDGSVLGRGHNMRFQKGSATLHGEISTLENCGRLEGKVY
KDTTLYTTLSPCDMCTGAIIMYGIPRCVVGENVNFKSKGEKYLQTRGHEVVVVDDERCKKIMKQFIDERPQDWFEDIGER
IELQKQQEEEAERLRRIQEEMEKERKRREEDEQRRRKE
;
_entity_poly.pdbx_strand_id   A,B
#
loop_
_chem_comp.id
_chem_comp.type
_chem_comp.name
_chem_comp.formula
EDO non-polymer 1,2-ETHANEDIOL 'C2 H6 O2'
OS0 non-polymer 4-oxidanyl-3,4-dihydro-1H-pyrimidin-2-one 'C4 H6 N2 O2'
ZN non-polymer 'ZINC ION' 'Zn 2'
#
# COMPACT_ATOMS: atom_id res chain seq x y z
N GLY A 5 23.59 -8.16 9.56
CA GLY A 5 23.55 -6.72 9.69
C GLY A 5 24.68 -6.23 8.83
N GLY A 6 25.85 -6.86 9.01
CA GLY A 6 26.98 -6.64 8.16
C GLY A 6 26.73 -7.23 6.79
N MET A 7 26.12 -8.39 6.72
CA MET A 7 25.84 -9.00 5.44
C MET A 7 24.78 -8.21 4.73
N ALA A 8 23.86 -7.60 5.46
CA ALA A 8 22.83 -6.78 4.79
C ALA A 8 23.38 -5.39 4.42
N SER A 9 24.00 -4.68 5.36
CA SER A 9 24.44 -3.29 5.09
C SER A 9 25.55 -3.18 4.03
N LYS A 10 26.24 -4.27 3.71
CA LYS A 10 27.22 -4.23 2.66
C LYS A 10 26.61 -3.85 1.34
N TRP A 11 25.28 -4.02 1.16
CA TRP A 11 24.64 -3.67 -0.10
C TRP A 11 24.08 -2.26 -0.15
N ASP A 12 24.27 -1.46 0.90
CA ASP A 12 23.48 -0.23 0.99
C ASP A 12 23.90 0.82 -0.03
N GLN A 13 25.19 0.86 -0.43
CA GLN A 13 25.57 1.81 -1.48
C GLN A 13 25.04 1.36 -2.84
N LYS A 14 25.13 0.05 -3.09
CA LYS A 14 24.58 -0.51 -4.32
C LYS A 14 23.09 -0.20 -4.43
N GLY A 15 22.37 -0.47 -3.33
CA GLY A 15 20.93 -0.30 -3.37
C GLY A 15 20.49 1.14 -3.57
N MET A 16 21.18 2.07 -2.90
CA MET A 16 20.75 3.45 -3.10
C MET A 16 21.14 3.99 -4.47
N ASP A 17 22.27 3.53 -5.06
CA ASP A 17 22.58 3.93 -6.44
C ASP A 17 21.50 3.46 -7.40
N ILE A 18 21.02 2.22 -7.23
CA ILE A 18 19.94 1.74 -8.11
C ILE A 18 18.67 2.56 -7.90
N ALA A 19 18.32 2.78 -6.64
CA ALA A 19 17.12 3.56 -6.35
C ALA A 19 17.24 4.98 -6.92
N TYR A 20 18.42 5.59 -6.81
CA TYR A 20 18.60 6.90 -7.39
C TYR A 20 18.48 6.91 -8.90
N GLU A 21 19.08 5.92 -9.58
CA GLU A 21 18.93 5.85 -11.01
C GLU A 21 17.45 5.71 -11.39
N GLU A 22 16.67 4.96 -10.60
CA GLU A 22 15.24 4.85 -10.88
C GLU A 22 14.54 6.19 -10.70
N ALA A 23 14.91 6.92 -9.65
CA ALA A 23 14.37 8.24 -9.46
C ALA A 23 14.66 9.16 -10.66
N ALA A 24 15.91 9.13 -11.14
CA ALA A 24 16.33 9.98 -12.26
C ALA A 24 15.60 9.61 -13.54
N LEU A 25 15.39 8.30 -13.74
CA LEU A 25 14.61 7.88 -14.88
C LEU A 25 13.16 8.38 -14.77
N GLY A 26 12.56 8.27 -13.58
CA GLY A 26 11.21 8.84 -13.41
C GLY A 26 11.18 10.33 -13.67
N TYR A 27 12.24 11.03 -13.25
CA TYR A 27 12.33 12.44 -13.54
C TYR A 27 12.32 12.69 -15.04
N LYS A 28 13.16 11.95 -15.79
CA LYS A 28 13.22 12.10 -17.24
C LYS A 28 11.87 11.86 -17.89
N GLU A 29 11.12 10.91 -17.37
CA GLU A 29 9.80 10.55 -17.90
C GLU A 29 8.71 11.54 -17.52
N GLY A 30 9.02 12.60 -16.80
CA GLY A 30 8.04 13.56 -16.36
C GLY A 30 7.34 13.24 -15.07
N GLY A 31 7.78 12.24 -14.34
CA GLY A 31 7.18 11.84 -13.10
C GLY A 31 7.85 12.36 -11.83
N VAL A 32 7.29 11.92 -10.70
CA VAL A 32 7.83 12.24 -9.38
C VAL A 32 9.13 11.45 -9.21
N PRO A 33 10.26 12.10 -8.89
CA PRO A 33 11.57 11.42 -8.91
C PRO A 33 11.84 10.68 -7.61
N ILE A 34 11.15 9.56 -7.47
CA ILE A 34 11.25 8.70 -6.30
C ILE A 34 11.47 7.27 -6.80
N GLY A 35 12.58 6.66 -6.41
CA GLY A 35 12.96 5.34 -6.90
C GLY A 35 13.22 4.37 -5.78
N GLY A 36 13.29 3.10 -6.15
CA GLY A 36 13.50 2.03 -5.17
C GLY A 36 14.09 0.78 -5.78
N CYS A 37 14.55 -0.10 -4.90
CA CYS A 37 14.89 -1.47 -5.28
C CYS A 37 14.77 -2.37 -4.06
N LEU A 38 14.59 -3.66 -4.32
CA LEU A 38 14.51 -4.65 -3.26
C LEU A 38 15.66 -5.63 -3.48
N ILE A 39 16.48 -5.79 -2.48
CA ILE A 39 17.68 -6.64 -2.57
C ILE A 39 17.60 -7.80 -1.59
N ASN A 40 18.01 -8.99 -2.02
CA ASN A 40 18.14 -10.15 -1.14
C ASN A 40 19.41 -9.97 -0.34
N ASN A 41 19.31 -9.88 1.00
CA ASN A 41 20.45 -9.61 1.86
C ASN A 41 21.47 -10.73 1.85
N LYS A 42 21.08 -11.97 1.53
CA LYS A 42 22.03 -13.07 1.57
C LYS A 42 23.14 -12.91 0.52
N ASP A 43 22.79 -12.48 -0.68
CA ASP A 43 23.76 -12.48 -1.77
C ASP A 43 23.79 -11.19 -2.57
N GLY A 44 23.01 -10.17 -2.18
CA GLY A 44 22.98 -8.91 -2.86
C GLY A 44 22.22 -8.90 -4.17
N SER A 45 21.50 -9.98 -4.49
CA SER A 45 20.76 -10.04 -5.74
C SER A 45 19.65 -9.02 -5.70
N VAL A 46 19.38 -8.37 -6.82
CA VAL A 46 18.34 -7.37 -6.95
C VAL A 46 17.09 -8.10 -7.42
N LEU A 47 16.06 -8.14 -6.54
CA LEU A 47 14.78 -8.77 -6.90
C LEU A 47 13.97 -7.90 -7.87
N GLY A 48 14.16 -6.59 -7.84
CA GLY A 48 13.38 -5.69 -8.69
C GLY A 48 13.76 -4.25 -8.34
N ARG A 49 13.41 -3.35 -9.25
CA ARG A 49 13.62 -1.92 -9.06
C ARG A 49 12.45 -1.19 -9.67
N GLY A 50 12.19 0.03 -9.23
CA GLY A 50 11.02 0.75 -9.75
C GLY A 50 11.06 2.21 -9.36
N HIS A 51 10.11 2.97 -9.92
CA HIS A 51 9.95 4.37 -9.55
C HIS A 51 8.49 4.72 -9.56
N ASN A 52 8.20 5.89 -8.99
CA ASN A 52 6.81 6.36 -8.92
C ASN A 52 6.23 6.50 -10.33
N MET A 53 5.05 5.93 -10.56
CA MET A 53 4.39 5.96 -11.85
C MET A 53 3.09 6.77 -11.91
N ARG A 54 2.92 7.69 -10.99
CA ARG A 54 1.69 8.51 -10.99
C ARG A 54 1.44 9.21 -12.32
N PHE A 55 2.45 9.90 -12.83
CA PHE A 55 2.25 10.63 -14.07
C PHE A 55 2.33 9.73 -15.29
N GLN A 56 3.24 8.74 -15.25
CA GLN A 56 3.45 7.87 -16.39
C GLN A 56 2.25 6.99 -16.64
N LYS A 57 1.56 6.59 -15.57
CA LYS A 57 0.46 5.63 -15.73
C LYS A 57 -0.85 6.14 -15.15
N GLY A 58 -0.96 7.42 -14.81
CA GLY A 58 -2.20 7.90 -14.18
C GLY A 58 -2.54 7.13 -12.91
N SER A 59 -1.55 6.85 -12.09
CA SER A 59 -1.66 5.88 -11.00
C SER A 59 -1.67 6.55 -9.63
N ALA A 60 -2.72 6.27 -8.86
CA ALA A 60 -2.83 6.72 -7.48
C ALA A 60 -2.14 5.81 -6.49
N THR A 61 -1.63 4.63 -6.91
CA THR A 61 -1.01 3.73 -5.96
C THR A 61 0.45 3.42 -6.25
N LEU A 62 0.96 3.68 -7.46
CA LEU A 62 2.34 3.29 -7.79
C LEU A 62 3.31 4.36 -7.30
N HIS A 63 3.43 4.49 -6.00
CA HIS A 63 4.58 5.16 -5.42
C HIS A 63 5.85 4.38 -5.78
N GLY A 64 7.01 4.99 -5.53
CA GLY A 64 8.26 4.30 -5.87
C GLY A 64 8.35 2.95 -5.19
N GLU A 65 7.98 2.89 -3.90
CA GLU A 65 8.15 1.63 -3.16
C GLU A 65 7.18 0.56 -3.67
N ILE A 66 5.92 0.97 -3.94
CA ILE A 66 4.89 0.08 -4.48
C ILE A 66 5.26 -0.43 -5.86
N SER A 67 5.75 0.48 -6.72
CA SER A 67 6.16 0.06 -8.05
C SER A 67 7.33 -0.90 -7.98
N THR A 68 8.27 -0.64 -7.08
CA THR A 68 9.40 -1.58 -6.86
C THR A 68 8.89 -2.96 -6.52
N LEU A 69 7.97 -3.05 -5.54
CA LEU A 69 7.39 -4.36 -5.19
C LEU A 69 6.64 -4.97 -6.34
N GLU A 70 5.88 -4.17 -7.08
CA GLU A 70 5.18 -4.71 -8.23
C GLU A 70 6.16 -5.30 -9.23
N ASN A 71 7.30 -4.63 -9.43
CA ASN A 71 8.25 -5.07 -10.45
C ASN A 71 9.00 -6.30 -10.01
N CYS A 72 9.03 -6.63 -8.71
CA CYS A 72 9.63 -7.89 -8.29
C CYS A 72 8.76 -9.10 -8.64
N GLY A 73 7.49 -8.89 -8.94
CA GLY A 73 6.58 -9.98 -9.26
C GLY A 73 6.05 -10.69 -8.02
N ARG A 74 5.17 -11.66 -8.23
CA ARG A 74 4.69 -12.45 -7.10
C ARG A 74 5.84 -13.25 -6.50
N LEU A 75 5.94 -13.19 -5.17
CA LEU A 75 6.97 -13.90 -4.41
C LEU A 75 6.33 -14.53 -3.17
N GLU A 76 6.82 -15.71 -2.82
CA GLU A 76 6.36 -16.32 -1.58
C GLU A 76 6.82 -15.49 -0.39
N GLY A 77 6.06 -15.59 0.69
CA GLY A 77 6.28 -14.76 1.85
C GLY A 77 7.67 -14.88 2.41
N LYS A 78 8.26 -16.06 2.33
CA LYS A 78 9.58 -16.22 2.92
C LYS A 78 10.61 -15.32 2.24
N VAL A 79 10.50 -15.09 0.93
CA VAL A 79 11.53 -14.34 0.22
C VAL A 79 11.75 -12.99 0.88
N TYR A 80 10.66 -12.30 1.21
CA TYR A 80 10.78 -10.94 1.71
C TYR A 80 11.45 -10.85 3.06
N LYS A 81 11.47 -11.93 3.84
CA LYS A 81 11.93 -11.84 5.21
C LYS A 81 13.42 -11.58 5.35
N ASP A 82 14.19 -11.73 4.28
CA ASP A 82 15.62 -11.38 4.34
C ASP A 82 15.99 -10.45 3.20
N THR A 83 15.25 -9.37 3.07
CA THR A 83 15.50 -8.36 2.06
C THR A 83 15.67 -6.99 2.69
N THR A 84 16.21 -6.07 1.91
CA THR A 84 16.21 -4.65 2.19
C THR A 84 15.47 -3.93 1.08
N LEU A 85 14.50 -3.07 1.45
CA LEU A 85 13.91 -2.16 0.50
C LEU A 85 14.66 -0.84 0.60
N TYR A 86 15.21 -0.41 -0.54
CA TYR A 86 15.85 0.88 -0.67
C TYR A 86 14.82 1.82 -1.28
N THR A 87 14.64 2.98 -0.69
CA THR A 87 13.77 4.02 -1.23
C THR A 87 14.49 5.38 -1.17
N THR A 88 14.44 6.15 -2.25
CA THR A 88 15.14 7.44 -2.23
C THR A 88 14.49 8.43 -1.26
N LEU A 89 13.22 8.22 -0.91
CA LEU A 89 12.51 9.14 -0.03
C LEU A 89 11.85 8.35 1.10
N SER A 90 11.85 8.95 2.31
CA SER A 90 11.25 8.28 3.46
C SER A 90 9.78 7.92 3.17
N PRO A 91 9.35 6.73 3.58
CA PRO A 91 8.07 6.21 3.07
C PRO A 91 6.84 6.84 3.70
N CYS A 92 5.84 7.07 2.84
CA CYS A 92 4.55 7.49 3.36
C CYS A 92 3.88 6.35 4.13
N ASP A 93 2.67 6.61 4.63
CA ASP A 93 1.99 5.61 5.44
C ASP A 93 1.62 4.39 4.60
N MET A 94 1.37 4.58 3.30
CA MET A 94 0.97 3.47 2.43
C MET A 94 2.16 2.54 2.18
N CYS A 95 3.32 3.13 1.83
CA CYS A 95 4.49 2.33 1.52
C CYS A 95 5.05 1.69 2.79
N THR A 96 4.98 2.41 3.93
CA THR A 96 5.25 1.84 5.24
C THR A 96 4.42 0.58 5.47
N GLY A 97 3.12 0.67 5.17
CA GLY A 97 2.23 -0.50 5.33
C GLY A 97 2.64 -1.68 4.46
N ALA A 98 3.09 -1.40 3.24
CA ALA A 98 3.54 -2.51 2.36
C ALA A 98 4.77 -3.22 2.93
N ILE A 99 5.73 -2.43 3.43
CA ILE A 99 6.91 -3.02 4.05
C ILE A 99 6.51 -3.90 5.23
N ILE A 100 5.57 -3.41 6.04
CA ILE A 100 5.11 -4.17 7.20
C ILE A 100 4.36 -5.43 6.76
N MET A 101 3.45 -5.29 5.79
CA MET A 101 2.65 -6.44 5.38
C MET A 101 3.53 -7.57 4.88
N TYR A 102 4.56 -7.26 4.08
CA TYR A 102 5.45 -8.30 3.56
C TYR A 102 6.53 -8.70 4.53
N GLY A 103 6.68 -8.03 5.66
CA GLY A 103 7.71 -8.43 6.62
C GLY A 103 9.12 -8.13 6.15
N ILE A 104 9.32 -7.13 5.29
CA ILE A 104 10.64 -6.73 4.85
C ILE A 104 11.37 -6.11 6.04
N PRO A 105 12.48 -6.68 6.49
CA PRO A 105 12.99 -6.30 7.81
C PRO A 105 13.74 -4.99 7.83
N ARG A 106 14.24 -4.52 6.69
CA ARG A 106 15.12 -3.37 6.65
C ARG A 106 14.66 -2.42 5.58
N CYS A 107 14.62 -1.12 5.88
CA CYS A 107 14.28 -0.08 4.92
C CYS A 107 15.39 0.97 4.98
N VAL A 108 16.09 1.17 3.88
CA VAL A 108 17.18 2.14 3.79
C VAL A 108 16.65 3.30 2.96
N VAL A 109 16.72 4.50 3.52
CA VAL A 109 16.02 5.68 3.05
C VAL A 109 17.04 6.71 2.57
N GLY A 110 16.89 7.18 1.33
CA GLY A 110 17.80 8.18 0.82
C GLY A 110 17.81 9.45 1.66
N GLU A 111 16.62 9.99 1.93
CA GLU A 111 16.53 11.24 2.71
C GLU A 111 15.12 11.39 3.28
N ASN A 112 15.07 12.15 4.36
CA ASN A 112 13.80 12.49 4.98
C ASN A 112 13.73 13.96 5.25
N VAL A 113 14.42 14.77 4.44
CA VAL A 113 14.39 16.21 4.53
C VAL A 113 13.21 16.79 3.74
N ASN A 114 12.98 16.30 2.52
CA ASN A 114 11.85 16.80 1.76
C ASN A 114 10.53 16.22 2.20
N PHE A 115 10.52 15.10 2.93
CA PHE A 115 9.28 14.46 3.33
C PHE A 115 9.61 13.44 4.40
N LYS A 116 8.69 13.30 5.35
CA LYS A 116 8.69 12.20 6.30
C LYS A 116 7.24 12.05 6.76
N SER A 117 6.82 10.83 7.00
CA SER A 117 5.48 10.58 7.56
C SER A 117 5.64 9.94 8.93
N LYS A 118 4.52 9.65 9.58
CA LYS A 118 4.56 8.86 10.81
C LYS A 118 5.03 7.44 10.57
N GLY A 119 5.05 7.03 9.32
CA GLY A 119 5.47 5.67 9.01
C GLY A 119 6.91 5.39 9.36
N GLU A 120 7.80 6.40 9.25
CA GLU A 120 9.20 6.15 9.55
C GLU A 120 9.35 5.58 10.97
N LYS A 121 8.70 6.22 11.94
CA LYS A 121 8.72 5.72 13.29
C LYS A 121 7.90 4.45 13.44
N TYR A 122 6.73 4.38 12.78
CA TYR A 122 5.89 3.18 12.94
C TYR A 122 6.63 1.93 12.47
N LEU A 123 7.45 2.04 11.43
CA LEU A 123 8.28 0.91 11.04
C LEU A 123 9.09 0.38 12.22
N GLN A 124 9.71 1.30 12.96
CA GLN A 124 10.56 0.89 14.08
C GLN A 124 9.72 0.31 15.22
N THR A 125 8.56 0.90 15.48
CA THR A 125 7.62 0.41 16.51
C THR A 125 7.21 -1.03 16.19
N ARG A 126 7.07 -1.33 14.90
CA ARG A 126 6.67 -2.68 14.41
C ARG A 126 7.88 -3.61 14.28
N GLY A 127 9.09 -3.17 14.64
CA GLY A 127 10.26 -4.09 14.63
C GLY A 127 11.14 -4.05 13.40
N HIS A 128 10.93 -3.11 12.50
CA HIS A 128 11.77 -3.02 11.31
C HIS A 128 12.91 -2.05 11.51
N GLU A 129 14.01 -2.28 10.81
CA GLU A 129 15.17 -1.39 10.90
C GLU A 129 15.04 -0.30 9.86
N VAL A 130 15.28 0.96 10.24
CA VAL A 130 15.25 2.07 9.30
C VAL A 130 16.61 2.78 9.36
N VAL A 131 17.23 2.97 8.19
CA VAL A 131 18.51 3.67 8.13
C VAL A 131 18.32 4.81 7.16
N VAL A 132 18.67 6.02 7.56
CA VAL A 132 18.58 7.18 6.66
C VAL A 132 19.98 7.61 6.29
N VAL A 133 20.30 7.59 4.99
CA VAL A 133 21.67 7.82 4.56
C VAL A 133 21.91 9.23 4.09
N ASP A 134 20.89 10.09 4.09
CA ASP A 134 21.05 11.52 3.78
C ASP A 134 21.80 11.76 2.47
N ASP A 135 21.33 11.08 1.43
CA ASP A 135 21.94 11.13 0.10
C ASP A 135 21.64 12.48 -0.56
N GLU A 136 22.70 13.25 -0.85
CA GLU A 136 22.53 14.59 -1.40
C GLU A 136 21.92 14.56 -2.80
N ARG A 137 22.16 13.48 -3.56
CA ARG A 137 21.57 13.41 -4.90
C ARG A 137 20.06 13.32 -4.81
N CYS A 138 19.58 12.48 -3.87
CA CYS A 138 18.16 12.32 -3.67
C CYS A 138 17.54 13.63 -3.20
N LYS A 139 18.19 14.30 -2.23
CA LYS A 139 17.60 15.54 -1.73
C LYS A 139 17.48 16.56 -2.85
N LYS A 140 18.49 16.63 -3.70
CA LYS A 140 18.44 17.68 -4.72
C LYS A 140 17.39 17.41 -5.79
N ILE A 141 17.27 16.18 -6.27
CA ILE A 141 16.29 15.88 -7.32
C ILE A 141 14.83 16.10 -6.82
N MET A 142 14.56 15.69 -5.60
CA MET A 142 13.24 15.85 -5.02
C MET A 142 12.94 17.30 -4.77
N LYS A 143 13.92 18.06 -4.31
CA LYS A 143 13.73 19.49 -4.10
C LYS A 143 13.45 20.16 -5.44
N GLN A 144 14.13 19.75 -6.47
CA GLN A 144 13.89 20.31 -7.80
C GLN A 144 12.46 20.04 -8.27
N PHE A 145 11.99 18.80 -8.14
CA PHE A 145 10.63 18.50 -8.55
C PHE A 145 9.61 19.29 -7.74
N ILE A 146 9.79 19.34 -6.43
CA ILE A 146 8.86 20.03 -5.57
C ILE A 146 8.81 21.50 -5.93
N ASP A 147 9.96 22.10 -6.19
CA ASP A 147 10.00 23.52 -6.54
C ASP A 147 9.29 23.76 -7.87
N GLU A 148 9.45 22.90 -8.85
CA GLU A 148 8.82 23.18 -10.15
C GLU A 148 7.35 22.79 -10.20
N ARG A 149 6.96 21.71 -9.54
CA ARG A 149 5.62 21.17 -9.60
C ARG A 149 5.03 20.89 -8.22
N PRO A 150 4.84 21.91 -7.43
CA PRO A 150 4.34 21.66 -6.08
C PRO A 150 2.95 21.03 -6.00
N GLN A 151 2.02 21.42 -6.87
CA GLN A 151 0.70 20.83 -6.83
C GLN A 151 0.75 19.34 -7.11
N ASP A 152 1.59 18.93 -8.05
CA ASP A 152 1.75 17.53 -8.39
C ASP A 152 2.34 16.74 -7.20
N TRP A 153 3.29 17.31 -6.50
CA TRP A 153 3.88 16.64 -5.33
C TRP A 153 2.82 16.43 -4.25
N PHE A 154 2.05 17.47 -3.96
CA PHE A 154 0.99 17.34 -2.98
C PHE A 154 -0.08 16.32 -3.37
N GLU A 155 -0.33 16.18 -4.66
CA GLU A 155 -1.28 15.18 -5.14
C GLU A 155 -0.75 13.77 -4.84
N ASP A 156 0.57 13.60 -4.90
CA ASP A 156 1.23 12.31 -4.63
C ASP A 156 1.17 11.84 -3.17
N ILE A 157 1.00 12.78 -2.25
CA ILE A 157 0.88 12.45 -0.81
C ILE A 157 -0.54 12.77 -0.32
N GLY A 158 -1.48 12.94 -1.25
CA GLY A 158 -2.91 13.21 -0.95
C GLY A 158 -3.16 14.44 -0.09
N GLU A 159 -2.44 15.52 -0.34
CA GLU A 159 -2.61 16.77 0.43
C GLU A 159 -2.88 17.94 -0.51
N ARG A 160 -3.72 18.88 -0.06
CA ARG A 160 -4.03 20.08 -0.88
C ARG A 160 -3.15 21.25 -0.41
N ILE A 161 -2.58 21.97 -1.36
CA ILE A 161 -1.81 23.15 -1.00
C ILE A 161 -2.76 24.21 -0.48
N GLU A 162 -2.50 24.71 0.73
CA GLU A 162 -3.36 25.73 1.35
C GLU A 162 -2.53 26.77 2.09
N LEU A 163 -2.76 28.07 1.83
CA LEU A 163 -1.92 29.10 2.46
C LEU A 163 -2.06 29.09 3.99
N GLN A 164 -3.25 28.74 4.49
CA GLN A 164 -3.48 28.67 5.93
C GLN A 164 -2.47 27.75 6.64
N LYS A 165 -2.11 26.66 5.99
CA LYS A 165 -1.20 25.71 6.57
C LYS A 165 0.18 26.31 6.89
N GLN A 166 0.75 26.97 5.93
CA GLN A 166 2.04 27.61 6.20
C GLN A 166 1.89 28.90 6.98
N GLN A 167 0.71 29.45 7.03
CA GLN A 167 0.40 30.68 7.73
C GLN A 167 -0.19 30.28 9.06
N GLU A 168 0.70 29.78 9.87
CA GLU A 168 0.39 29.30 11.18
C GLU A 168 -0.75 28.26 11.06
N GLY B 5 -20.64 8.30 9.45
CA GLY B 5 -21.43 9.55 9.35
C GLY B 5 -22.91 9.27 9.25
N GLY B 6 -23.76 10.09 9.88
CA GLY B 6 -25.22 9.85 9.84
C GLY B 6 -25.65 9.90 8.39
N MET B 7 -25.15 10.92 7.67
CA MET B 7 -25.32 10.98 6.21
C MET B 7 -24.30 10.00 5.58
N ALA B 8 -22.98 9.98 5.92
CA ALA B 8 -22.09 9.08 5.15
C ALA B 8 -22.50 7.60 5.19
N SER B 9 -22.99 7.13 6.34
CA SER B 9 -23.35 5.70 6.51
C SER B 9 -24.57 5.28 5.67
N LYS B 10 -25.35 6.25 5.19
CA LYS B 10 -26.49 5.97 4.31
C LYS B 10 -26.06 5.16 3.08
N TRP B 11 -24.82 5.35 2.60
CA TRP B 11 -24.29 4.63 1.46
C TRP B 11 -23.70 3.25 1.76
N ASP B 12 -23.73 2.82 3.01
CA ASP B 12 -23.03 1.59 3.41
C ASP B 12 -23.56 0.31 2.78
N GLN B 13 -24.87 0.19 2.63
CA GLN B 13 -25.39 -1.00 1.94
C GLN B 13 -24.97 -1.00 0.47
N LYS B 14 -25.11 0.16 -0.20
CA LYS B 14 -24.68 0.30 -1.59
C LYS B 14 -23.20 -0.07 -1.75
N GLY B 15 -22.36 0.47 -0.87
CA GLY B 15 -20.92 0.23 -0.98
C GLY B 15 -20.53 -1.22 -0.74
N MET B 16 -21.13 -1.86 0.28
CA MET B 16 -20.76 -3.24 0.51
C MET B 16 -21.32 -4.14 -0.58
N ASP B 17 -22.48 -3.81 -1.14
CA ASP B 17 -23.01 -4.61 -2.25
C ASP B 17 -22.10 -4.53 -3.47
N ILE B 18 -21.59 -3.34 -3.78
CA ILE B 18 -20.63 -3.24 -4.89
C ILE B 18 -19.35 -4.00 -4.56
N ALA B 19 -18.84 -3.84 -3.36
CA ALA B 19 -17.60 -4.53 -2.97
C ALA B 19 -17.76 -6.05 -3.08
N TYR B 20 -18.93 -6.58 -2.69
CA TYR B 20 -19.17 -8.00 -2.82
C TYR B 20 -19.27 -8.41 -4.30
N GLU B 21 -19.93 -7.61 -5.13
CA GLU B 21 -19.95 -7.93 -6.56
C GLU B 21 -18.53 -8.03 -7.11
N GLU B 22 -17.64 -7.13 -6.69
CA GLU B 22 -16.26 -7.19 -7.14
C GLU B 22 -15.56 -8.44 -6.63
N ALA B 23 -15.78 -8.81 -5.37
CA ALA B 23 -15.19 -10.04 -4.82
C ALA B 23 -15.64 -11.26 -5.59
N ALA B 24 -16.94 -11.33 -5.89
CA ALA B 24 -17.46 -12.49 -6.60
C ALA B 24 -16.94 -12.57 -8.03
N LEU B 25 -16.76 -11.42 -8.66
CA LEU B 25 -16.14 -11.39 -9.98
C LEU B 25 -14.69 -11.86 -9.90
N GLY B 26 -13.93 -11.37 -8.92
CA GLY B 26 -12.56 -11.84 -8.77
C GLY B 26 -12.49 -13.34 -8.55
N TYR B 27 -13.44 -13.87 -7.75
CA TYR B 27 -13.48 -15.30 -7.53
C TYR B 27 -13.66 -16.04 -8.85
N LYS B 28 -14.61 -15.56 -9.68
CA LYS B 28 -14.91 -16.18 -10.96
C LYS B 28 -13.67 -16.19 -11.85
N GLU B 29 -12.85 -15.15 -11.75
CA GLU B 29 -11.64 -15.00 -12.52
C GLU B 29 -10.46 -15.83 -11.99
N GLY B 30 -10.67 -16.66 -10.96
CA GLY B 30 -9.59 -17.45 -10.39
C GLY B 30 -8.74 -16.70 -9.40
N GLY B 31 -9.17 -15.51 -8.99
CA GLY B 31 -8.41 -14.70 -8.07
C GLY B 31 -8.82 -14.83 -6.62
N VAL B 32 -8.14 -14.04 -5.81
CA VAL B 32 -8.48 -13.89 -4.39
C VAL B 32 -9.79 -13.11 -4.30
N PRO B 33 -10.83 -13.61 -3.60
CA PRO B 33 -12.17 -13.00 -3.72
C PRO B 33 -12.33 -11.88 -2.71
N ILE B 34 -11.68 -10.73 -2.95
CA ILE B 34 -11.70 -9.54 -2.12
C ILE B 34 -11.98 -8.35 -3.03
N GLY B 35 -13.06 -7.65 -2.73
CA GLY B 35 -13.48 -6.52 -3.51
C GLY B 35 -13.67 -5.26 -2.70
N GLY B 36 -13.72 -4.16 -3.42
CA GLY B 36 -13.90 -2.85 -2.85
C GLY B 36 -14.51 -1.80 -3.74
N CYS B 37 -14.88 -0.71 -3.10
CA CYS B 37 -15.27 0.50 -3.77
C CYS B 37 -15.05 1.70 -2.92
N LEU B 38 -14.92 2.83 -3.56
CA LEU B 38 -14.76 4.13 -2.92
C LEU B 38 -15.96 5.01 -3.32
N ILE B 39 -16.65 5.51 -2.31
CA ILE B 39 -17.85 6.33 -2.54
C ILE B 39 -17.61 7.73 -2.01
N ASN B 40 -18.07 8.74 -2.77
CA ASN B 40 -18.08 10.11 -2.31
C ASN B 40 -19.26 10.27 -1.36
N ASN B 41 -18.98 10.57 -0.09
CA ASN B 41 -20.04 10.63 0.90
C ASN B 41 -21.04 11.76 0.62
N LYS B 42 -20.64 12.79 -0.14
CA LYS B 42 -21.50 13.95 -0.38
C LYS B 42 -22.74 13.56 -1.17
N ASP B 43 -22.59 12.72 -2.18
CA ASP B 43 -23.68 12.41 -3.09
C ASP B 43 -23.84 10.94 -3.41
N GLY B 44 -23.06 10.05 -2.78
CA GLY B 44 -23.14 8.61 -3.01
C GLY B 44 -22.53 8.14 -4.31
N SER B 45 -21.83 9.02 -5.03
CA SER B 45 -21.21 8.66 -6.30
C SER B 45 -20.11 7.64 -6.06
N VAL B 46 -20.00 6.67 -6.96
CA VAL B 46 -18.95 5.66 -6.89
C VAL B 46 -17.75 6.21 -7.66
N LEU B 47 -16.67 6.50 -6.91
CA LEU B 47 -15.44 7.00 -7.53
C LEU B 47 -14.68 5.88 -8.24
N GLY B 48 -14.79 4.65 -7.78
CA GLY B 48 -14.14 3.53 -8.42
C GLY B 48 -14.46 2.26 -7.64
N ARG B 49 -14.15 1.14 -8.25
CA ARG B 49 -14.45 -0.17 -7.70
C ARG B 49 -13.41 -1.14 -8.25
N GLY B 50 -13.06 -2.14 -7.47
CA GLY B 50 -12.03 -3.07 -7.93
C GLY B 50 -11.97 -4.31 -7.06
N HIS B 51 -11.09 -5.23 -7.45
CA HIS B 51 -10.86 -6.45 -6.68
C HIS B 51 -9.39 -6.80 -6.75
N ASN B 52 -9.00 -7.75 -5.91
CA ASN B 52 -7.60 -8.18 -5.86
C ASN B 52 -7.19 -8.74 -7.23
N MET B 53 -6.05 -8.27 -7.71
CA MET B 53 -5.53 -8.66 -9.06
C MET B 53 -4.24 -9.49 -9.02
N ARG B 54 -3.94 -10.11 -7.91
CA ARG B 54 -2.71 -10.89 -7.83
C ARG B 54 -2.64 -11.96 -8.92
N PHE B 55 -3.65 -12.76 -9.09
CA PHE B 55 -3.67 -13.78 -10.12
C PHE B 55 -3.89 -13.24 -11.52
N GLN B 56 -4.80 -12.29 -11.65
CA GLN B 56 -5.17 -11.80 -12.97
C GLN B 56 -4.04 -10.99 -13.60
N LYS B 57 -3.22 -10.34 -12.80
CA LYS B 57 -2.17 -9.46 -13.30
C LYS B 57 -0.80 -9.80 -12.76
N GLY B 58 -0.62 -10.93 -12.07
CA GLY B 58 0.67 -11.28 -11.50
C GLY B 58 1.17 -10.20 -10.58
N SER B 59 0.30 -9.68 -9.73
CA SER B 59 0.55 -8.44 -9.01
C SER B 59 0.76 -8.68 -7.53
N ALA B 60 1.88 -8.20 -7.01
CA ALA B 60 2.16 -8.19 -5.59
C ALA B 60 1.54 -7.00 -4.85
N THR B 61 0.98 -6.00 -5.51
CA THR B 61 0.47 -4.87 -4.79
C THR B 61 -1.04 -4.66 -4.94
N LEU B 62 -1.69 -5.21 -5.96
CA LEU B 62 -3.11 -4.94 -6.21
C LEU B 62 -3.99 -5.83 -5.34
N HIS B 63 -3.94 -5.56 -4.04
CA HIS B 63 -5.03 -6.02 -3.16
C HIS B 63 -6.34 -5.37 -3.62
N GLY B 64 -7.48 -5.86 -3.08
CA GLY B 64 -8.76 -5.26 -3.50
C GLY B 64 -8.82 -3.76 -3.23
N GLU B 65 -8.30 -3.35 -2.05
CA GLU B 65 -8.37 -1.94 -1.70
C GLU B 65 -7.49 -1.10 -2.60
N ILE B 66 -6.26 -1.60 -2.87
CA ILE B 66 -5.32 -0.88 -3.74
C ILE B 66 -5.86 -0.81 -5.14
N SER B 67 -6.41 -1.93 -5.63
CA SER B 67 -6.98 -1.92 -6.97
C SER B 67 -8.16 -0.95 -7.07
N THR B 68 -9.00 -0.91 -6.03
CA THR B 68 -10.07 0.08 -5.97
C THR B 68 -9.55 1.50 -6.09
N LEU B 69 -8.54 1.84 -5.29
CA LEU B 69 -7.97 3.18 -5.38
C LEU B 69 -7.35 3.45 -6.74
N GLU B 70 -6.63 2.46 -7.30
CA GLU B 70 -6.05 2.64 -8.62
C GLU B 70 -7.14 2.95 -9.63
N ASN B 71 -8.28 2.28 -9.49
CA ASN B 71 -9.35 2.45 -10.47
C ASN B 71 -10.08 3.77 -10.35
N CYS B 72 -9.92 4.49 -9.25
CA CYS B 72 -10.52 5.82 -9.18
C CYS B 72 -9.75 6.85 -10.00
N GLY B 73 -8.51 6.55 -10.34
CA GLY B 73 -7.65 7.46 -11.06
C GLY B 73 -7.01 8.47 -10.13
N ARG B 74 -6.17 9.32 -10.72
CA ARG B 74 -5.60 10.39 -9.95
C ARG B 74 -6.72 11.32 -9.50
N LEU B 75 -6.66 11.70 -8.23
CA LEU B 75 -7.64 12.63 -7.68
C LEU B 75 -6.94 13.69 -6.86
N GLU B 76 -7.52 14.87 -6.83
CA GLU B 76 -7.05 15.88 -5.89
C GLU B 76 -7.14 15.34 -4.46
N GLY B 77 -6.21 15.76 -3.62
CA GLY B 77 -6.13 15.23 -2.28
C GLY B 77 -7.41 15.45 -1.48
N LYS B 78 -8.06 16.58 -1.68
CA LYS B 78 -9.28 16.93 -0.92
C LYS B 78 -10.40 15.91 -1.17
N VAL B 79 -10.47 15.33 -2.35
CA VAL B 79 -11.60 14.44 -2.66
C VAL B 79 -11.69 13.33 -1.62
N TYR B 80 -10.56 12.70 -1.30
CA TYR B 80 -10.57 11.53 -0.43
C TYR B 80 -11.08 11.83 0.96
N LYS B 81 -10.99 13.10 1.39
CA LYS B 81 -11.30 13.44 2.77
C LYS B 81 -12.78 13.30 3.09
N ASP B 82 -13.63 13.14 2.07
CA ASP B 82 -15.03 12.89 2.34
C ASP B 82 -15.49 11.68 1.56
N THR B 83 -14.79 10.57 1.71
CA THR B 83 -15.15 9.31 1.08
C THR B 83 -15.23 8.21 2.12
N THR B 84 -15.88 7.14 1.71
CA THR B 84 -15.81 5.88 2.46
C THR B 84 -15.20 4.84 1.54
N LEU B 85 -14.22 4.09 2.04
CA LEU B 85 -13.70 2.91 1.37
CA LEU B 85 -13.70 2.91 1.36
C LEU B 85 -14.39 1.67 1.90
N TYR B 86 -15.02 0.93 1.02
CA TYR B 86 -15.65 -0.35 1.34
C TYR B 86 -14.72 -1.47 0.91
N THR B 87 -14.49 -2.42 1.82
CA THR B 87 -13.65 -3.58 1.53
C THR B 87 -14.35 -4.82 2.06
N THR B 88 -14.43 -5.89 1.27
CA THR B 88 -15.08 -7.09 1.74
C THR B 88 -14.35 -7.76 2.90
N LEU B 89 -13.05 -7.51 3.04
CA LEU B 89 -12.24 -8.10 4.09
C LEU B 89 -11.47 -7.03 4.86
N SER B 90 -11.34 -7.20 6.16
CA SER B 90 -10.63 -6.24 6.99
C SER B 90 -9.21 -6.02 6.42
N PRO B 91 -8.75 -4.78 6.39
CA PRO B 91 -7.54 -4.48 5.59
C PRO B 91 -6.24 -4.95 6.24
N CYS B 92 -5.33 -5.40 5.37
CA CYS B 92 -3.97 -5.71 5.82
C CYS B 92 -3.25 -4.39 6.15
N ASP B 93 -1.98 -4.53 6.55
CA ASP B 93 -1.22 -3.35 6.96
C ASP B 93 -0.95 -2.42 5.78
N MET B 94 -0.85 -2.98 4.58
CA MET B 94 -0.59 -2.17 3.38
C MET B 94 -1.81 -1.31 3.02
N CYS B 95 -2.97 -1.96 2.98
CA CYS B 95 -4.21 -1.28 2.59
C CYS B 95 -4.63 -0.29 3.67
N THR B 96 -4.40 -0.65 4.94
CA THR B 96 -4.56 0.27 6.05
C THR B 96 -3.73 1.54 5.80
N GLY B 97 -2.48 1.34 5.37
CA GLY B 97 -1.58 2.49 5.13
C GLY B 97 -2.07 3.38 4.00
N ALA B 98 -2.69 2.77 2.97
CA ALA B 98 -3.24 3.55 1.86
C ALA B 98 -4.39 4.44 2.35
N ILE B 99 -5.30 3.87 3.17
CA ILE B 99 -6.41 4.65 3.71
C ILE B 99 -5.87 5.81 4.55
N ILE B 100 -4.85 5.55 5.36
CA ILE B 100 -4.24 6.59 6.18
C ILE B 100 -3.56 7.65 5.32
N MET B 101 -2.77 7.23 4.33
CA MET B 101 -2.02 8.21 3.53
C MET B 101 -2.97 9.17 2.81
N TYR B 102 -4.09 8.65 2.29
CA TYR B 102 -5.03 9.51 1.59
C TYR B 102 -6.02 10.19 2.51
N GLY B 103 -6.05 9.88 3.80
CA GLY B 103 -6.97 10.59 4.69
C GLY B 103 -8.41 10.21 4.47
N ILE B 104 -8.66 9.01 3.98
CA ILE B 104 -10.03 8.50 3.82
C ILE B 104 -10.63 8.28 5.20
N PRO B 105 -11.72 8.97 5.55
CA PRO B 105 -12.12 9.00 6.96
C PRO B 105 -12.82 7.74 7.44
N ARG B 106 -13.41 6.94 6.56
CA ARG B 106 -14.23 5.80 6.96
C ARG B 106 -13.82 4.60 6.16
N CYS B 107 -13.72 3.45 6.81
CA CYS B 107 -13.51 2.16 6.18
C CYS B 107 -14.59 1.22 6.68
N VAL B 108 -15.39 0.71 5.76
CA VAL B 108 -16.49 -0.20 6.05
C VAL B 108 -16.09 -1.58 5.55
N VAL B 109 -16.09 -2.53 6.44
CA VAL B 109 -15.52 -3.82 6.27
C VAL B 109 -16.55 -4.95 6.23
N GLY B 110 -16.48 -5.79 5.22
CA GLY B 110 -17.44 -6.87 5.11
C GLY B 110 -17.36 -7.85 6.26
N GLU B 111 -16.15 -8.31 6.54
CA GLU B 111 -15.92 -9.27 7.63
C GLU B 111 -14.46 -9.31 8.07
N ASN B 112 -14.26 -9.61 9.35
CA ASN B 112 -12.92 -9.69 9.96
C ASN B 112 -12.71 -11.03 10.65
N VAL B 113 -13.46 -12.02 10.24
CA VAL B 113 -13.38 -13.36 10.79
C VAL B 113 -12.33 -14.18 10.09
N ASN B 114 -12.31 -14.09 8.76
CA ASN B 114 -11.30 -14.84 8.04
C ASN B 114 -9.92 -14.23 8.13
N PHE B 115 -9.81 -12.94 8.44
CA PHE B 115 -8.54 -12.24 8.46
C PHE B 115 -8.75 -10.94 9.19
N LYS B 116 -7.75 -10.56 9.99
CA LYS B 116 -7.68 -9.22 10.57
C LYS B 116 -6.20 -8.94 10.79
N SER B 117 -5.76 -7.71 10.56
CA SER B 117 -4.36 -7.36 10.83
C SER B 117 -4.38 -6.35 11.97
N LYS B 118 -3.22 -5.93 12.41
CA LYS B 118 -3.13 -4.80 13.33
C LYS B 118 -3.66 -3.50 12.72
N GLY B 119 -3.85 -3.46 11.40
CA GLY B 119 -4.35 -2.23 10.78
C GLY B 119 -5.76 -1.87 11.20
N GLU B 120 -6.63 -2.86 11.50
CA GLU B 120 -8.00 -2.50 11.88
C GLU B 120 -7.98 -1.55 13.08
N LYS B 121 -7.22 -1.90 14.11
CA LYS B 121 -7.08 -1.02 15.26
C LYS B 121 -6.28 0.23 14.92
N TYR B 122 -5.20 0.10 14.13
CA TYR B 122 -4.34 1.26 13.82
C TYR B 122 -5.14 2.35 13.10
N LEU B 123 -6.05 1.95 12.21
CA LEU B 123 -6.92 2.96 11.60
C LEU B 123 -7.59 3.82 12.64
N GLN B 124 -8.14 3.18 13.67
CA GLN B 124 -8.89 3.88 14.70
C GLN B 124 -7.96 4.70 15.58
N THR B 125 -6.78 4.17 15.88
CA THR B 125 -5.75 4.93 16.61
C THR B 125 -5.41 6.20 15.87
N ARG B 126 -5.38 6.14 14.56
CA ARG B 126 -5.04 7.26 13.70
C ARG B 126 -6.26 8.12 13.35
N GLY B 127 -7.41 7.87 13.96
CA GLY B 127 -8.56 8.75 13.80
C GLY B 127 -9.56 8.40 12.71
N HIS B 128 -9.47 7.23 12.12
CA HIS B 128 -10.41 6.82 11.07
C HIS B 128 -11.48 5.92 11.69
N GLU B 129 -12.67 5.99 11.10
CA GLU B 129 -13.80 5.19 11.57
C GLU B 129 -13.78 3.86 10.84
N VAL B 130 -14.01 2.79 11.58
CA VAL B 130 -14.14 1.45 11.03
C VAL B 130 -15.49 0.89 11.46
N VAL B 131 -16.22 0.29 10.53
CA VAL B 131 -17.48 -0.41 10.85
C VAL B 131 -17.38 -1.77 10.20
N VAL B 132 -17.67 -2.80 10.95
CA VAL B 132 -17.65 -4.19 10.42
C VAL B 132 -19.11 -4.62 10.25
N VAL B 133 -19.47 -4.90 9.02
CA VAL B 133 -20.84 -5.35 8.62
CA VAL B 133 -20.88 -5.30 8.79
C VAL B 133 -21.30 -6.80 8.92
N ASP B 134 -20.27 -7.65 9.04
CA ASP B 134 -20.39 -9.12 9.22
C ASP B 134 -21.29 -9.69 8.10
N ASP B 135 -20.90 -9.43 6.86
CA ASP B 135 -21.63 -9.86 5.67
C ASP B 135 -21.33 -11.33 5.38
N GLU B 136 -22.32 -12.21 5.49
CA GLU B 136 -22.09 -13.62 5.33
C GLU B 136 -21.69 -13.99 3.92
N ARG B 137 -22.09 -13.22 2.92
CA ARG B 137 -21.67 -13.58 1.56
C ARG B 137 -20.15 -13.46 1.44
N CYS B 138 -19.60 -12.38 1.99
CA CYS B 138 -18.17 -12.16 2.00
C CYS B 138 -17.47 -13.26 2.78
N LYS B 139 -17.99 -13.57 3.97
CA LYS B 139 -17.36 -14.59 4.78
C LYS B 139 -17.31 -15.93 4.08
N LYS B 140 -18.38 -16.30 3.39
CA LYS B 140 -18.42 -17.62 2.77
C LYS B 140 -17.41 -17.73 1.64
N ILE B 141 -17.36 -16.75 0.76
CA ILE B 141 -16.47 -16.79 -0.36
C ILE B 141 -14.99 -16.78 0.03
N MET B 142 -14.64 -15.99 1.00
CA MET B 142 -13.30 -15.91 1.49
C MET B 142 -12.92 -17.19 2.20
N LYS B 143 -13.84 -17.76 2.99
CA LYS B 143 -13.50 -18.99 3.69
C LYS B 143 -13.26 -20.12 2.71
N GLN B 144 -14.04 -20.17 1.63
CA GLN B 144 -13.82 -21.18 0.59
C GLN B 144 -12.43 -21.04 -0.02
N PHE B 145 -12.00 -19.80 -0.33
CA PHE B 145 -10.68 -19.61 -0.92
C PHE B 145 -9.58 -20.03 0.05
N ILE B 146 -9.65 -19.58 1.30
CA ILE B 146 -8.64 -19.91 2.29
C ILE B 146 -8.56 -21.41 2.51
N ASP B 147 -9.71 -22.10 2.52
CA ASP B 147 -9.73 -23.54 2.75
C ASP B 147 -9.11 -24.30 1.58
N GLU B 148 -9.39 -23.87 0.35
CA GLU B 148 -9.00 -24.58 -0.87
C GLU B 148 -7.60 -24.20 -1.36
N ARG B 149 -7.19 -22.97 -1.13
CA ARG B 149 -5.95 -22.43 -1.69
C ARG B 149 -5.13 -21.72 -0.61
N PRO B 150 -4.78 -22.41 0.49
CA PRO B 150 -4.05 -21.73 1.56
C PRO B 150 -2.69 -21.22 1.13
N GLN B 151 -1.99 -21.95 0.23
CA GLN B 151 -0.69 -21.48 -0.22
C GLN B 151 -0.80 -20.12 -0.91
N ASP B 152 -1.81 -19.98 -1.78
CA ASP B 152 -2.07 -18.71 -2.45
C ASP B 152 -2.48 -17.64 -1.45
N TRP B 153 -3.33 -18.01 -0.48
CA TRP B 153 -3.75 -17.03 0.53
C TRP B 153 -2.57 -16.51 1.34
N PHE B 154 -1.69 -17.41 1.80
CA PHE B 154 -0.54 -16.94 2.59
C PHE B 154 0.32 -16.01 1.74
N GLU B 155 0.46 -16.30 0.43
CA GLU B 155 1.20 -15.40 -0.46
C GLU B 155 0.60 -14.02 -0.46
N ASP B 156 -0.74 -13.96 -0.53
CA ASP B 156 -1.40 -12.68 -0.69
C ASP B 156 -1.24 -11.81 0.56
N ILE B 157 -1.04 -12.42 1.73
CA ILE B 157 -0.86 -11.64 2.95
C ILE B 157 0.58 -11.64 3.43
N GLY B 158 1.52 -12.11 2.60
CA GLY B 158 2.93 -11.98 2.92
C GLY B 158 3.34 -12.84 4.08
N GLU B 159 2.65 -13.95 4.32
CA GLU B 159 3.00 -14.77 5.47
C GLU B 159 3.86 -15.92 5.04
N ARG B 160 4.94 -16.06 5.78
CA ARG B 160 5.84 -17.19 5.61
C ARG B 160 5.07 -18.40 6.10
N ILE B 161 5.12 -19.49 5.34
CA ILE B 161 4.44 -20.70 5.73
C ILE B 161 5.43 -21.44 6.64
N GLU B 162 5.00 -21.80 7.85
CA GLU B 162 5.83 -22.43 8.86
C GLU B 162 5.21 -23.78 9.18
N LEU B 163 5.47 -24.75 8.30
CA LEU B 163 4.84 -26.06 8.46
C LEU B 163 5.35 -26.82 9.68
N GLN B 164 6.64 -26.66 10.05
CA GLN B 164 7.11 -27.35 11.25
C GLN B 164 6.31 -26.92 12.48
N LYS B 165 6.03 -25.62 12.60
CA LYS B 165 5.21 -25.12 13.69
C LYS B 165 3.79 -25.66 13.60
N GLN B 166 3.23 -25.68 12.39
CA GLN B 166 1.86 -26.17 12.23
C GLN B 166 1.74 -27.66 12.55
N GLN B 167 2.74 -28.46 12.14
CA GLN B 167 2.72 -29.89 12.48
C GLN B 167 2.80 -30.10 13.99
N GLU B 168 3.58 -29.29 14.69
CA GLU B 168 3.65 -29.41 16.15
C GLU B 168 2.36 -28.93 16.81
N GLU B 169 1.75 -27.88 16.27
CA GLU B 169 0.52 -27.35 16.85
C GLU B 169 -0.62 -28.36 16.74
N GLU B 170 -0.81 -28.93 15.55
CA GLU B 170 -1.91 -29.86 15.33
C GLU B 170 -1.60 -31.23 15.91
C02 OS0 C . 6.43 8.01 -3.28
C04 OS0 C . 5.58 9.77 -1.78
C05 OS0 C . 6.26 9.16 -0.68
C06 OS0 C . 6.97 7.87 -0.82
N03 OS0 C . 5.68 9.20 -3.05
N08 OS0 C . 7.12 7.37 -2.23
O01 OS0 C . 6.54 7.64 -4.43
O07 OS0 C . 6.31 6.76 -0.13
ZN ZN D . 4.46 5.99 -0.53
C1 EDO E . 4.30 -7.75 14.11
O1 EDO E . 2.89 -7.93 14.20
C2 EDO E . 4.71 -6.30 14.27
O2 EDO E . 4.32 -5.82 15.55
C02 OS0 F . -6.59 -8.13 -0.12
C04 OS0 F . -5.51 -9.30 1.76
C05 OS0 F . -6.09 -8.43 2.71
C06 OS0 F . -6.83 -7.23 2.27
N03 OS0 F . -5.77 -9.16 0.35
N08 OS0 F . -7.13 -7.19 0.81
O01 OS0 F . -6.81 -8.04 -1.30
O07 OS0 F . -6.12 -6.01 2.53
ZN ZN G . -4.35 -5.38 1.69
C1 EDO H . -2.92 10.43 12.53
O1 EDO H . -2.81 10.06 13.91
C2 EDO H . -2.39 11.84 12.34
O2 EDO H . -2.50 12.20 10.95
#